data_7KBX
#
_entry.id   7KBX
#
loop_
_entity.id
_entity.type
_entity.pdbx_description
1 polymer Myc2345_T23
2 non-polymer 2-[(~{E})-2-(3-methoxy-4-oxidanyl-phenyl)ethenyl]-1-methyl-quinoline-4-carboxamide
#
_entity_poly.entity_id   1
_entity_poly.type   'polydeoxyribonucleotide'
_entity_poly.pdbx_seq_one_letter_code
;(DT)(DG)(DA)(DG)(DG)(DG)(DT)(DG)(DG)(DG)(DT)(DA)(DG)(DG)(DG)(DT)(DG)(DG)(DG)(DT)
(DA)(DA)
;
_entity_poly.pdbx_strand_id   A
#